data_6W1H
#
_entry.id   6W1H
#
_cell.length_a   42.442
_cell.length_b   100.284
_cell.length_c   103.577
_cell.angle_alpha   90.000
_cell.angle_beta   90.000
_cell.angle_gamma   90.000
#
_symmetry.space_group_name_H-M   'P 21 21 21'
#
loop_
_entity.id
_entity.type
_entity.pdbx_description
1 polymer 'Hydroxyglutarate synthase'
2 non-polymer 'NICKEL (II) ION'
3 non-polymer '2-OXOADIPIC ACID'
4 water water
#
_entity_poly.entity_id   1
_entity_poly.type   'polypeptide(L)'
_entity_poly.pdbx_seq_one_letter_code
;MPANDFVSPDSIRAQFSAAMSLMYKQEVPLYGTLLELVSEINQQVMAQQPEVAEALRWTGEIERLDQERHGAIRVGTAEE
LATIARLFAVMGMQPVGYYDLSSAGVPVHSTAFRAVHEQSLHVSPFRVFTSLLRLELIDNPQLRELAQSILAKRQIFTSR
ALELIAQCEREGGLDAADAETFVQEALHTFRWHQDATVTAEQYQQLHDQHRLIADVVAFKGPHINHLTPRTLDIDAIQLG
MPAKGIPPKAVVEGPPTRRHPILLRQTSFKALQETVAFRDQQGREGSHTARFGEIEQRGAALTPKGRQLYDKLLDATRVA
LGGAPAEANAERYMALLQANFAEFPDDLAQMREQGLAYFRYFATEKGLAARDQEGRPTTLQGLIDAGHVHFEALVYEDFL
PVSAAGIFQSNLGDDAQAEYGSNANREAFEAALGLQVQDELALYAQSERRSLQACAQALNLGSM
;
_entity_poly.pdbx_strand_id   A
#
loop_
_chem_comp.id
_chem_comp.type
_chem_comp.name
_chem_comp.formula
NI non-polymer 'NICKEL (II) ION' 'Ni 2'
OOG non-polymer '2-OXOADIPIC ACID' 'C6 H8 O5'
#
# COMPACT_ATOMS: atom_id res chain seq x y z
N ALA A 3 -31.17 -13.09 2.86
CA ALA A 3 -31.48 -11.93 3.69
C ALA A 3 -31.82 -10.73 2.82
N ASN A 4 -30.80 -10.06 2.32
CA ASN A 4 -30.93 -8.90 1.45
C ASN A 4 -30.20 -9.17 0.14
N ASP A 5 -30.25 -8.18 -0.77
CA ASP A 5 -29.59 -8.30 -2.05
C ASP A 5 -28.35 -7.41 -2.15
N PHE A 6 -27.75 -7.06 -1.02
CA PHE A 6 -26.55 -6.25 -1.03
C PHE A 6 -25.39 -7.08 -1.55
N VAL A 7 -24.50 -6.43 -2.30
CA VAL A 7 -23.26 -7.07 -2.71
C VAL A 7 -22.22 -6.96 -1.59
N SER A 8 -21.23 -7.83 -1.64
CA SER A 8 -20.21 -7.81 -0.60
C SER A 8 -19.35 -6.56 -0.73
N PRO A 9 -18.97 -5.94 0.40
CA PRO A 9 -17.98 -4.86 0.32
C PRO A 9 -16.72 -5.26 -0.41
N ASP A 10 -16.29 -6.53 -0.26
CA ASP A 10 -15.10 -6.99 -0.97
C ASP A 10 -15.27 -6.87 -2.48
N SER A 11 -16.46 -7.17 -2.99
CA SER A 11 -16.68 -7.09 -4.44
C SER A 11 -16.68 -5.64 -4.91
N ILE A 12 -17.19 -4.73 -4.08
CA ILE A 12 -17.14 -3.32 -4.43
C ILE A 12 -15.69 -2.85 -4.47
N ARG A 13 -14.90 -3.29 -3.52
CA ARG A 13 -13.49 -2.94 -3.47
C ARG A 13 -12.78 -3.44 -4.73
N ALA A 14 -13.01 -4.68 -5.13
CA ALA A 14 -12.38 -5.20 -6.33
C ALA A 14 -12.76 -4.37 -7.55
N GLN A 15 -14.03 -4.02 -7.66
CA GLN A 15 -14.52 -3.21 -8.80
C GLN A 15 -13.90 -1.82 -8.77
N PHE A 16 -13.80 -1.22 -7.60
CA PHE A 16 -13.21 0.11 -7.47
C PHE A 16 -11.74 0.09 -7.86
N SER A 17 -11.00 -0.89 -7.37
CA SER A 17 -9.59 -1.00 -7.74
C SER A 17 -9.44 -1.12 -9.26
N ALA A 18 -10.27 -1.96 -9.89
CA ALA A 18 -10.17 -2.14 -11.33
C ALA A 18 -10.52 -0.84 -12.06
N ALA A 19 -11.55 -0.13 -11.59
CA ALA A 19 -11.94 1.12 -12.23
C ALA A 19 -10.86 2.19 -12.04
N MET A 20 -10.25 2.24 -10.87
CA MET A 20 -9.17 3.18 -10.64
CA MET A 20 -9.17 3.20 -10.65
C MET A 20 -7.98 2.89 -11.55
N SER A 21 -7.67 1.60 -11.72
CA SER A 21 -6.56 1.22 -12.58
C SER A 21 -6.82 1.61 -14.04
N LEU A 22 -8.03 1.37 -14.54
CA LEU A 22 -8.35 1.76 -15.90
CA LEU A 22 -8.35 1.76 -15.90
C LEU A 22 -8.25 3.28 -16.08
N MET A 23 -8.76 4.05 -15.12
CA MET A 23 -8.67 5.51 -15.20
C MET A 23 -7.21 5.97 -15.18
N TYR A 24 -6.42 5.44 -14.25
CA TYR A 24 -5.02 5.85 -14.14
C TYR A 24 -4.24 5.47 -15.39
N LYS A 25 -4.53 4.32 -15.97
CA LYS A 25 -3.85 3.92 -17.20
C LYS A 25 -4.19 4.87 -18.36
N GLN A 26 -5.45 5.33 -18.44
CA GLN A 26 -5.79 6.35 -19.43
C GLN A 26 -5.02 7.64 -19.20
N GLU A 27 -4.86 8.05 -17.95
CA GLU A 27 -4.16 9.28 -17.63
C GLU A 27 -2.65 9.15 -17.81
N VAL A 28 -2.08 7.98 -17.53
CA VAL A 28 -0.62 7.77 -17.46
C VAL A 28 -0.34 6.50 -18.25
N PRO A 29 -0.14 6.59 -19.58
CA PRO A 29 0.03 5.36 -20.37
C PRO A 29 1.20 4.49 -19.94
N LEU A 30 2.28 5.07 -19.43
CA LEU A 30 3.41 4.24 -18.99
C LEU A 30 3.04 3.31 -17.83
N TYR A 31 1.97 3.61 -17.09
CA TYR A 31 1.47 2.64 -16.13
C TYR A 31 0.96 1.38 -16.83
N GLY A 32 0.30 1.54 -17.98
CA GLY A 32 -0.08 0.38 -18.77
C GLY A 32 1.13 -0.41 -19.23
N THR A 33 2.19 0.28 -19.66
CA THR A 33 3.44 -0.37 -20.03
C THR A 33 4.00 -1.16 -18.85
N LEU A 34 3.97 -0.56 -17.67
CA LEU A 34 4.43 -1.27 -16.48
C LEU A 34 3.61 -2.53 -16.22
N LEU A 35 2.28 -2.44 -16.35
CA LEU A 35 1.44 -3.61 -16.08
C LEU A 35 1.79 -4.77 -17.02
N GLU A 36 2.09 -4.48 -18.28
CA GLU A 36 2.46 -5.55 -19.20
C GLU A 36 3.75 -6.21 -18.77
N LEU A 37 4.70 -5.41 -18.30
CA LEU A 37 5.96 -5.96 -17.81
C LEU A 37 5.75 -6.78 -16.55
N VAL A 38 4.89 -6.30 -15.64
CA VAL A 38 4.62 -7.03 -14.41
C VAL A 38 4.05 -8.40 -14.71
N SER A 39 3.08 -8.47 -15.64
CA SER A 39 2.48 -9.74 -15.98
C SER A 39 3.51 -10.73 -16.50
N GLU A 40 4.37 -10.27 -17.40
CA GLU A 40 5.38 -11.18 -17.96
C GLU A 40 6.39 -11.61 -16.90
N ILE A 41 6.87 -10.69 -16.06
CA ILE A 41 7.79 -11.06 -14.99
C ILE A 41 7.14 -12.09 -14.06
N ASN A 42 5.90 -11.85 -13.67
CA ASN A 42 5.24 -12.74 -12.72
C ASN A 42 5.04 -14.13 -13.31
N GLN A 43 4.64 -14.22 -14.58
CA GLN A 43 4.50 -15.54 -15.20
C GLN A 43 5.84 -16.26 -15.28
N GLN A 44 6.92 -15.51 -15.56
CA GLN A 44 8.24 -16.11 -15.61
C GLN A 44 8.63 -16.70 -14.26
N VAL A 45 8.42 -15.93 -13.18
CA VAL A 45 8.75 -16.42 -11.84
C VAL A 45 7.99 -17.71 -11.54
N MET A 46 6.67 -17.70 -11.81
CA MET A 46 5.87 -18.87 -11.47
C MET A 46 6.25 -20.08 -12.30
N ALA A 47 6.72 -19.87 -13.53
CA ALA A 47 7.14 -20.98 -14.37
C ALA A 47 8.50 -21.50 -13.95
N GLN A 48 9.37 -20.63 -13.46
CA GLN A 48 10.75 -21.00 -13.18
C GLN A 48 11.00 -21.39 -11.73
N GLN A 49 10.09 -21.02 -10.83
CA GLN A 49 10.29 -21.23 -9.39
C GLN A 49 9.07 -21.94 -8.82
N PRO A 50 9.03 -23.27 -8.91
CA PRO A 50 7.86 -24.01 -8.41
C PRO A 50 7.54 -23.72 -6.95
N GLU A 51 8.54 -23.46 -6.12
CA GLU A 51 8.27 -23.22 -4.71
C GLU A 51 7.48 -21.93 -4.52
N VAL A 52 7.76 -20.92 -5.34
CA VAL A 52 7.01 -19.66 -5.25
C VAL A 52 5.58 -19.89 -5.70
N ALA A 53 5.40 -20.59 -6.83
CA ALA A 53 4.06 -20.88 -7.31
C ALA A 53 3.25 -21.66 -6.28
N GLU A 54 3.88 -22.65 -5.64
CA GLU A 54 3.17 -23.44 -4.65
C GLU A 54 2.83 -22.60 -3.42
N ALA A 55 3.75 -21.73 -3.00
CA ALA A 55 3.46 -20.88 -1.84
C ALA A 55 2.23 -20.02 -2.09
N LEU A 56 2.14 -19.41 -3.28
CA LEU A 56 1.01 -18.57 -3.60
C LEU A 56 -0.28 -19.37 -3.72
N ARG A 57 -0.18 -20.65 -4.08
CA ARG A 57 -1.38 -21.49 -4.10
C ARG A 57 -1.90 -21.75 -2.69
N TRP A 58 -1.01 -22.12 -1.78
CA TRP A 58 -1.42 -22.41 -0.42
C TRP A 58 -2.14 -21.23 0.21
N THR A 59 -1.65 -20.01 -0.01
CA THR A 59 -2.18 -18.83 0.66
C THR A 59 -3.33 -18.20 -0.11
N GLY A 60 -3.61 -18.68 -1.32
CA GLY A 60 -4.63 -18.08 -2.16
C GLY A 60 -4.20 -16.82 -2.85
N GLU A 61 -2.96 -16.40 -2.65
CA GLU A 61 -2.51 -15.17 -3.30
C GLU A 61 -2.40 -15.32 -4.81
N ILE A 62 -2.29 -16.54 -5.32
CA ILE A 62 -2.17 -16.71 -6.76
C ILE A 62 -3.35 -16.08 -7.47
N GLU A 63 -4.54 -16.15 -6.88
CA GLU A 63 -5.73 -15.61 -7.52
C GLU A 63 -5.89 -14.10 -7.37
N ARG A 64 -5.31 -13.50 -6.35
CA ARG A 64 -5.40 -12.06 -6.13
C ARG A 64 -4.27 -11.29 -6.83
N LEU A 65 -3.19 -11.98 -7.22
CA LEU A 65 -1.96 -11.31 -7.59
C LEU A 65 -2.11 -10.39 -8.78
N ASP A 66 -2.78 -10.86 -9.84
CA ASP A 66 -2.77 -10.11 -11.09
C ASP A 66 -3.36 -8.71 -10.93
N GLN A 67 -4.39 -8.57 -10.09
CA GLN A 67 -5.06 -7.30 -9.90
C GLN A 67 -4.62 -6.53 -8.66
N GLU A 68 -3.64 -7.05 -7.92
CA GLU A 68 -3.25 -6.48 -6.64
C GLU A 68 -2.55 -5.14 -6.84
N ARG A 69 -3.06 -4.11 -6.16
CA ARG A 69 -2.53 -2.76 -6.27
CA ARG A 69 -2.53 -2.76 -6.27
C ARG A 69 -2.62 -2.04 -4.93
N HIS A 70 -1.82 -0.98 -4.81
CA HIS A 70 -2.02 0.05 -3.79
C HIS A 70 -2.13 1.40 -4.50
N GLY A 71 -2.88 2.30 -3.92
CA GLY A 71 -2.89 3.67 -4.33
C GLY A 71 -2.38 4.55 -3.21
N ALA A 72 -2.04 5.80 -3.55
CA ALA A 72 -1.65 6.78 -2.55
C ALA A 72 -2.33 8.09 -2.89
N ILE A 73 -2.89 8.74 -1.86
CA ILE A 73 -3.59 9.99 -2.02
C ILE A 73 -3.24 10.89 -0.84
N ARG A 74 -3.48 12.18 -1.03
CA ARG A 74 -3.27 13.19 0.00
C ARG A 74 -4.50 14.07 0.10
N VAL A 75 -4.98 14.31 1.32
CA VAL A 75 -6.11 15.18 1.56
C VAL A 75 -5.65 16.36 2.42
N GLY A 76 -6.49 17.40 2.47
CA GLY A 76 -6.09 18.67 3.05
C GLY A 76 -6.76 19.08 4.34
N THR A 77 -7.87 18.45 4.71
CA THR A 77 -8.58 18.85 5.91
C THR A 77 -9.04 17.63 6.69
N ALA A 78 -9.30 17.83 7.99
CA ALA A 78 -9.87 16.77 8.82
C ALA A 78 -11.20 16.28 8.27
N GLU A 79 -12.05 17.19 7.80
CA GLU A 79 -13.33 16.76 7.24
C GLU A 79 -13.12 15.86 6.03
N GLU A 80 -12.15 16.19 5.17
CA GLU A 80 -11.87 15.32 4.03
C GLU A 80 -11.44 13.94 4.48
N LEU A 81 -10.57 13.88 5.50
CA LEU A 81 -10.10 12.59 5.96
C LEU A 81 -11.24 11.79 6.57
N ALA A 82 -12.08 12.43 7.38
CA ALA A 82 -13.17 11.70 8.02
C ALA A 82 -14.17 11.20 6.98
N THR A 83 -14.46 12.01 5.97
CA THR A 83 -15.42 11.59 4.96
C THR A 83 -14.84 10.49 4.07
N ILE A 84 -13.53 10.59 3.76
CA ILE A 84 -12.94 9.55 2.93
C ILE A 84 -12.90 8.23 3.69
N ALA A 85 -12.78 8.26 5.02
CA ALA A 85 -12.86 7.02 5.79
C ALA A 85 -14.24 6.38 5.64
N ARG A 86 -15.29 7.21 5.59
CA ARG A 86 -16.63 6.68 5.38
C ARG A 86 -16.80 6.13 3.96
N LEU A 87 -16.21 6.81 2.97
CA LEU A 87 -16.22 6.30 1.60
C LEU A 87 -15.54 4.94 1.53
N PHE A 88 -14.34 4.84 2.11
CA PHE A 88 -13.61 3.59 2.04
C PHE A 88 -14.31 2.48 2.82
N ALA A 89 -15.06 2.83 3.87
CA ALA A 89 -15.78 1.82 4.65
C ALA A 89 -16.83 1.09 3.82
N VAL A 90 -17.45 1.78 2.86
CA VAL A 90 -18.39 1.14 1.96
C VAL A 90 -17.76 -0.08 1.32
N MET A 91 -16.45 -0.02 1.09
CA MET A 91 -15.71 -1.07 0.40
C MET A 91 -14.90 -1.93 1.35
N GLY A 92 -15.23 -1.94 2.62
CA GLY A 92 -14.52 -2.80 3.53
C GLY A 92 -13.09 -2.38 3.81
N MET A 93 -12.76 -1.13 3.53
CA MET A 93 -11.40 -0.64 3.69
C MET A 93 -11.34 0.22 4.96
N GLN A 94 -10.71 -0.29 5.98
CA GLN A 94 -10.64 0.30 7.31
C GLN A 94 -9.27 0.90 7.56
N PRO A 95 -9.16 1.92 8.42
CA PRO A 95 -7.84 2.53 8.65
C PRO A 95 -6.95 1.63 9.48
N VAL A 96 -5.77 1.33 8.95
CA VAL A 96 -4.83 0.42 9.57
C VAL A 96 -3.49 1.12 9.68
N GLY A 97 -2.99 1.24 10.90
CA GLY A 97 -1.69 1.84 11.11
C GLY A 97 -1.74 3.36 11.20
N TYR A 98 -0.71 3.91 11.80
CA TYR A 98 -0.53 5.35 11.89
C TYR A 98 0.91 5.68 11.53
N TYR A 99 1.10 6.52 10.52
CA TYR A 99 2.41 6.92 10.05
C TYR A 99 2.56 8.41 10.33
N ASP A 100 3.47 8.78 11.24
CA ASP A 100 3.77 10.17 11.54
C ASP A 100 5.02 10.54 10.76
N LEU A 101 4.84 11.20 9.63
CA LEU A 101 5.95 11.48 8.72
C LEU A 101 6.65 12.80 8.99
N SER A 102 6.19 13.46 10.04
CA SER A 102 6.98 14.74 10.41
CA SER A 102 6.95 14.68 10.44
C SER A 102 8.49 14.51 10.70
N SER A 103 8.80 13.24 11.04
CA SER A 103 10.21 12.90 11.28
C SER A 103 11.05 13.10 10.02
N ALA A 104 10.57 12.66 8.87
CA ALA A 104 11.29 12.69 7.61
C ALA A 104 11.15 14.03 6.89
N GLY A 105 10.68 15.06 7.58
CA GLY A 105 10.59 16.37 6.98
C GLY A 105 9.46 16.52 5.99
N VAL A 106 8.27 16.04 6.35
CA VAL A 106 7.07 16.23 5.55
C VAL A 106 5.91 16.57 6.47
N PRO A 107 5.10 17.57 6.14
CA PRO A 107 4.01 17.98 7.05
C PRO A 107 2.72 17.18 6.83
N VAL A 108 2.82 15.85 6.97
CA VAL A 108 1.66 14.98 6.84
C VAL A 108 1.75 13.86 7.87
N HIS A 109 0.59 13.29 8.19
CA HIS A 109 0.49 12.01 8.90
C HIS A 109 -0.64 11.23 8.25
N SER A 110 -0.57 9.91 8.38
CA SER A 110 -1.25 9.06 7.44
C SER A 110 -1.72 7.76 8.07
N THR A 111 -2.60 7.09 7.34
CA THR A 111 -3.03 5.72 7.60
C THR A 111 -3.16 5.02 6.25
N ALA A 112 -3.36 3.71 6.29
CA ALA A 112 -3.67 2.94 5.10
C ALA A 112 -5.06 2.32 5.23
N PHE A 113 -5.93 2.60 4.28
CA PHE A 113 -7.26 2.01 4.27
C PHE A 113 -7.18 0.70 3.49
N ARG A 114 -7.60 -0.40 4.13
CA ARG A 114 -7.52 -1.72 3.52
C ARG A 114 -8.41 -2.68 4.28
N ALA A 115 -8.70 -3.82 3.66
CA ALA A 115 -9.33 -4.91 4.37
C ALA A 115 -8.32 -5.57 5.31
N VAL A 116 -8.84 -6.40 6.21
CA VAL A 116 -8.03 -6.89 7.34
C VAL A 116 -7.98 -8.39 7.48
N HIS A 117 -8.87 -9.14 6.85
CA HIS A 117 -9.02 -10.58 7.04
C HIS A 117 -8.58 -11.27 5.76
N GLU A 118 -7.92 -12.42 5.92
CA GLU A 118 -7.32 -13.13 4.79
C GLU A 118 -8.32 -13.39 3.67
N GLN A 119 -9.57 -13.75 4.01
CA GLN A 119 -10.55 -14.03 2.96
C GLN A 119 -10.96 -12.77 2.23
N SER A 120 -11.15 -11.66 2.97
CA SER A 120 -11.44 -10.39 2.32
C SER A 120 -10.29 -9.99 1.40
N LEU A 121 -9.06 -10.09 1.90
CA LEU A 121 -7.88 -9.73 1.13
C LEU A 121 -7.73 -10.60 -0.08
N HIS A 122 -8.19 -11.85 -0.01
CA HIS A 122 -8.13 -12.75 -1.15
C HIS A 122 -9.01 -12.25 -2.28
N VAL A 123 -10.20 -11.72 -1.94
CA VAL A 123 -11.10 -11.18 -2.95
C VAL A 123 -10.52 -9.90 -3.55
N SER A 124 -10.00 -9.02 -2.70
CA SER A 124 -9.24 -7.88 -3.18
C SER A 124 -8.34 -7.33 -2.08
N PRO A 125 -7.02 -7.23 -2.32
CA PRO A 125 -6.13 -6.63 -1.34
C PRO A 125 -5.88 -5.15 -1.56
N PHE A 126 -6.76 -4.49 -2.32
CA PHE A 126 -6.55 -3.08 -2.63
C PHE A 126 -6.43 -2.27 -1.35
N ARG A 127 -5.47 -1.35 -1.33
CA ARG A 127 -5.15 -0.54 -0.15
C ARG A 127 -4.85 0.87 -0.65
N VAL A 128 -5.26 1.87 0.10
CA VAL A 128 -4.97 3.25 -0.25
C VAL A 128 -4.28 3.93 0.92
N PHE A 129 -3.00 4.25 0.74
CA PHE A 129 -2.26 5.02 1.74
C PHE A 129 -2.73 6.45 1.64
N THR A 130 -3.24 6.99 2.75
CA THR A 130 -3.92 8.27 2.76
C THR A 130 -3.25 9.21 3.75
N SER A 131 -2.71 10.32 3.24
CA SER A 131 -2.02 11.30 4.04
C SER A 131 -2.89 12.54 4.24
N LEU A 132 -2.83 13.10 5.45
CA LEU A 132 -3.48 14.36 5.77
C LEU A 132 -2.41 15.43 5.97
N LEU A 133 -2.50 16.51 5.18
CA LEU A 133 -1.58 17.63 5.30
C LEU A 133 -1.83 18.35 6.61
N ARG A 134 -0.75 18.72 7.29
CA ARG A 134 -0.82 19.40 8.59
C ARG A 134 -0.44 20.86 8.35
N LEU A 135 -1.45 21.71 8.17
CA LEU A 135 -1.19 23.11 7.82
C LEU A 135 -0.49 23.84 8.95
N GLU A 136 -0.67 23.39 10.19
CA GLU A 136 -0.02 24.05 11.33
C GLU A 136 1.50 23.94 11.27
N LEU A 137 2.02 23.02 10.48
CA LEU A 137 3.46 22.89 10.28
C LEU A 137 4.00 23.82 9.20
N ILE A 138 3.14 24.62 8.58
CA ILE A 138 3.58 25.65 7.64
C ILE A 138 3.86 26.90 8.46
N ASP A 139 5.15 27.25 8.59
CA ASP A 139 5.52 28.36 9.47
C ASP A 139 5.04 29.70 8.93
N ASN A 140 5.18 29.92 7.61
CA ASN A 140 4.80 31.21 7.05
C ASN A 140 3.29 31.42 7.24
N PRO A 141 2.87 32.37 8.08
CA PRO A 141 1.42 32.52 8.33
C PRO A 141 0.63 32.85 7.08
N GLN A 142 1.15 33.75 6.25
CA GLN A 142 0.40 34.16 5.05
C GLN A 142 0.14 32.97 4.13
N LEU A 143 1.14 32.11 3.96
CA LEU A 143 0.94 30.95 3.09
C LEU A 143 0.00 29.94 3.73
N ARG A 144 0.10 29.74 5.05
CA ARG A 144 -0.85 28.87 5.72
C ARG A 144 -2.28 29.36 5.57
N GLU A 145 -2.48 30.67 5.71
CA GLU A 145 -3.83 31.23 5.57
C GLU A 145 -4.35 31.05 4.16
N LEU A 146 -3.48 31.20 3.15
CA LEU A 146 -3.90 30.97 1.78
C LEU A 146 -4.37 29.52 1.60
N ALA A 147 -3.56 28.57 2.05
CA ALA A 147 -3.91 27.16 1.93
C ALA A 147 -5.23 26.87 2.62
N GLN A 148 -5.40 27.37 3.85
CA GLN A 148 -6.62 27.10 4.59
C GLN A 148 -7.84 27.65 3.87
N SER A 149 -7.72 28.86 3.30
CA SER A 149 -8.84 29.46 2.60
C SER A 149 -9.21 28.66 1.35
N ILE A 150 -8.20 28.21 0.59
CA ILE A 150 -8.48 27.46 -0.63
C ILE A 150 -9.08 26.10 -0.31
N LEU A 151 -8.55 25.42 0.72
CA LEU A 151 -9.04 24.09 1.04
C LEU A 151 -10.46 24.15 1.58
N ALA A 152 -10.81 25.23 2.29
CA ALA A 152 -12.16 25.34 2.83
C ALA A 152 -13.21 25.52 1.74
N LYS A 153 -12.83 26.01 0.57
CA LYS A 153 -13.84 26.26 -0.47
C LYS A 153 -14.21 25.01 -1.25
N ARG A 154 -13.31 24.02 -1.31
CA ARG A 154 -13.50 22.91 -2.22
C ARG A 154 -14.35 21.81 -1.60
N GLN A 155 -15.04 21.07 -2.47
CA GLN A 155 -15.88 19.93 -2.09
C GLN A 155 -15.42 18.78 -2.98
N ILE A 156 -14.65 17.86 -2.41
CA ILE A 156 -14.01 16.83 -3.23
C ILE A 156 -14.88 15.62 -3.48
N PHE A 157 -16.07 15.56 -2.89
CA PHE A 157 -16.99 14.45 -3.06
C PHE A 157 -18.22 14.93 -3.79
N THR A 158 -18.70 14.14 -4.75
CA THR A 158 -19.96 14.49 -5.40
C THR A 158 -21.12 14.28 -4.45
N SER A 159 -22.21 15.00 -4.67
CA SER A 159 -23.36 14.84 -3.80
C SER A 159 -23.89 13.41 -3.86
N ARG A 160 -23.86 12.79 -5.04
CA ARG A 160 -24.35 11.42 -5.17
C ARG A 160 -23.47 10.44 -4.39
N ALA A 161 -22.15 10.64 -4.40
CA ALA A 161 -21.29 9.78 -3.61
C ALA A 161 -21.66 9.88 -2.13
N LEU A 162 -21.87 11.10 -1.63
CA LEU A 162 -22.22 11.27 -0.23
C LEU A 162 -23.57 10.64 0.10
N GLU A 163 -24.54 10.74 -0.83
CA GLU A 163 -25.83 10.11 -0.62
C GLU A 163 -25.68 8.60 -0.49
N LEU A 164 -24.86 7.99 -1.36
CA LEU A 164 -24.71 6.53 -1.34
C LEU A 164 -23.95 6.06 -0.11
N ILE A 165 -22.95 6.84 0.35
CA ILE A 165 -22.27 6.52 1.60
C ILE A 165 -23.27 6.53 2.75
N ALA A 166 -24.09 7.58 2.82
CA ALA A 166 -25.06 7.65 3.91
C ALA A 166 -26.08 6.52 3.80
N GLN A 167 -26.48 6.18 2.58
CA GLN A 167 -27.44 5.10 2.37
C GLN A 167 -26.85 3.77 2.83
N CYS A 168 -25.61 3.51 2.44
CA CYS A 168 -24.93 2.29 2.88
C CYS A 168 -24.91 2.21 4.41
N GLU A 169 -24.58 3.31 5.08
CA GLU A 169 -24.52 3.29 6.54
C GLU A 169 -25.88 3.00 7.14
N ARG A 170 -26.92 3.67 6.64
CA ARG A 170 -28.25 3.56 7.23
C ARG A 170 -28.87 2.20 6.96
N GLU A 171 -28.61 1.60 5.80
CA GLU A 171 -29.28 0.38 5.41
C GLU A 171 -28.45 -0.88 5.63
N GLY A 172 -27.12 -0.76 5.69
CA GLY A 172 -26.25 -1.89 5.89
C GLY A 172 -25.55 -2.43 4.65
N GLY A 173 -25.65 -1.74 3.53
CA GLY A 173 -25.02 -2.21 2.30
C GLY A 173 -25.68 -1.56 1.10
N LEU A 174 -25.19 -1.95 -0.06
CA LEU A 174 -25.70 -1.49 -1.35
C LEU A 174 -25.93 -2.68 -2.28
N ASP A 175 -26.99 -2.61 -3.07
CA ASP A 175 -27.21 -3.62 -4.10
C ASP A 175 -26.28 -3.35 -5.28
N ALA A 176 -26.30 -4.26 -6.26
CA ALA A 176 -25.33 -4.18 -7.35
C ALA A 176 -25.43 -2.87 -8.12
N ALA A 177 -26.64 -2.42 -8.41
CA ALA A 177 -26.80 -1.20 -9.19
C ALA A 177 -26.26 0.00 -8.41
N ASP A 178 -26.59 0.09 -7.13
CA ASP A 178 -26.11 1.22 -6.32
C ASP A 178 -24.61 1.12 -6.09
N ALA A 179 -24.07 -0.09 -5.98
CA ALA A 179 -22.62 -0.23 -5.87
C ALA A 179 -21.91 0.27 -7.13
N GLU A 180 -22.46 -0.03 -8.31
CA GLU A 180 -21.87 0.46 -9.56
C GLU A 180 -21.90 1.97 -9.60
N THR A 181 -23.05 2.56 -9.28
CA THR A 181 -23.13 4.03 -9.19
C THR A 181 -22.11 4.58 -8.20
N PHE A 182 -22.00 3.93 -7.02
CA PHE A 182 -21.06 4.39 -6.01
C PHE A 182 -19.62 4.40 -6.55
N VAL A 183 -19.22 3.31 -7.23
CA VAL A 183 -17.87 3.25 -7.77
C VAL A 183 -17.62 4.42 -8.72
N GLN A 184 -18.55 4.66 -9.64
CA GLN A 184 -18.35 5.73 -10.62
C GLN A 184 -18.33 7.10 -9.95
N GLU A 185 -19.17 7.32 -8.94
CA GLU A 185 -19.18 8.61 -8.26
C GLU A 185 -17.91 8.79 -7.43
N ALA A 186 -17.45 7.73 -6.77
CA ALA A 186 -16.23 7.83 -5.98
C ALA A 186 -15.02 8.13 -6.86
N LEU A 187 -15.02 7.62 -8.09
CA LEU A 187 -13.89 7.87 -9.00
C LEU A 187 -13.65 9.35 -9.23
N HIS A 188 -14.72 10.16 -9.27
CA HIS A 188 -14.56 11.59 -9.49
C HIS A 188 -13.61 12.23 -8.49
N THR A 189 -13.61 11.74 -7.25
CA THR A 189 -12.75 12.32 -6.22
C THR A 189 -11.29 12.17 -6.57
N PHE A 190 -10.92 11.17 -7.36
CA PHE A 190 -9.53 10.81 -7.58
C PHE A 190 -9.04 11.06 -8.98
N ARG A 191 -9.87 11.59 -9.86
CA ARG A 191 -9.46 11.86 -11.23
C ARG A 191 -8.54 13.08 -11.27
N TRP A 192 -7.63 13.07 -12.23
CA TRP A 192 -6.73 14.20 -12.43
C TRP A 192 -7.47 15.33 -13.10
N HIS A 193 -7.27 16.54 -12.60
CA HIS A 193 -7.88 17.74 -13.18
C HIS A 193 -6.78 18.74 -13.50
N GLN A 194 -6.66 19.07 -14.79
CA GLN A 194 -5.59 19.95 -15.26
C GLN A 194 -5.76 21.37 -14.75
N ASP A 195 -6.99 21.82 -14.53
CA ASP A 195 -7.26 23.22 -14.20
C ASP A 195 -7.12 23.42 -12.70
N ALA A 196 -6.04 24.08 -12.29
CA ALA A 196 -5.85 24.41 -10.89
C ALA A 196 -6.95 25.36 -10.43
N THR A 197 -7.23 25.33 -9.12
CA THR A 197 -8.26 26.16 -8.52
C THR A 197 -7.73 27.49 -8.02
N VAL A 198 -6.46 27.79 -8.28
CA VAL A 198 -5.81 28.99 -7.78
C VAL A 198 -5.24 29.78 -8.95
N THR A 199 -4.79 31.00 -8.65
CA THR A 199 -4.13 31.82 -9.65
C THR A 199 -2.70 31.32 -9.85
N ALA A 200 -2.10 31.73 -10.98
CA ALA A 200 -0.73 31.35 -11.27
C ALA A 200 0.21 31.78 -10.15
N GLU A 201 0.00 32.98 -9.60
CA GLU A 201 0.86 33.46 -8.52
C GLU A 201 0.62 32.68 -7.23
N GLN A 202 -0.64 32.37 -6.93
CA GLN A 202 -0.94 31.57 -5.74
C GLN A 202 -0.30 30.20 -5.83
N TYR A 203 -0.36 29.57 -7.01
CA TYR A 203 0.30 28.28 -7.19
C TYR A 203 1.80 28.41 -6.97
N GLN A 204 2.39 29.51 -7.45
CA GLN A 204 3.82 29.74 -7.27
C GLN A 204 4.18 29.77 -5.79
N GLN A 205 3.44 30.53 -5.00
CA GLN A 205 3.73 30.63 -3.57
C GLN A 205 3.57 29.26 -2.90
N LEU A 206 2.51 28.54 -3.24
CA LEU A 206 2.29 27.23 -2.61
C LEU A 206 3.40 26.26 -2.99
N HIS A 207 3.89 26.33 -4.23
CA HIS A 207 4.84 25.36 -4.72
C HIS A 207 6.24 25.57 -4.14
N ASP A 208 6.68 26.83 -4.03
CA ASP A 208 8.05 27.08 -3.56
C ASP A 208 8.22 26.66 -2.10
N GLN A 209 7.19 26.80 -1.27
CA GLN A 209 7.26 26.31 0.09
C GLN A 209 7.54 24.81 0.11
N HIS A 210 6.72 24.04 -0.58
CA HIS A 210 6.89 22.59 -0.69
C HIS A 210 6.01 22.09 -1.83
N ARG A 211 6.58 21.35 -2.78
CA ARG A 211 5.78 20.86 -3.89
C ARG A 211 4.57 20.07 -3.42
N LEU A 212 4.68 19.37 -2.28
CA LEU A 212 3.54 18.63 -1.78
C LEU A 212 2.40 19.56 -1.41
N ILE A 213 2.70 20.75 -0.89
CA ILE A 213 1.66 21.69 -0.52
C ILE A 213 0.86 22.13 -1.75
N ALA A 214 1.55 22.45 -2.85
CA ALA A 214 0.84 22.80 -4.08
C ALA A 214 0.04 21.61 -4.60
N ASP A 215 0.60 20.41 -4.48
CA ASP A 215 -0.09 19.22 -4.98
C ASP A 215 -1.44 19.04 -4.29
N VAL A 216 -1.50 19.30 -2.99
CA VAL A 216 -2.74 19.18 -2.25
C VAL A 216 -3.64 20.39 -2.49
N VAL A 217 -3.08 21.60 -2.36
CA VAL A 217 -3.93 22.77 -2.25
C VAL A 217 -4.40 23.28 -3.60
N ALA A 218 -3.62 23.12 -4.66
CA ALA A 218 -3.88 23.81 -5.91
C ALA A 218 -4.83 23.07 -6.85
N PHE A 219 -5.36 21.93 -6.46
CA PHE A 219 -6.17 21.10 -7.35
C PHE A 219 -7.56 20.88 -6.76
N LYS A 220 -8.46 20.40 -7.62
CA LYS A 220 -9.85 20.25 -7.23
C LYS A 220 -10.03 19.16 -6.19
N GLY A 221 -9.18 18.13 -6.24
CA GLY A 221 -9.28 17.04 -5.30
C GLY A 221 -8.02 16.21 -5.17
N PRO A 222 -8.11 15.13 -4.41
CA PRO A 222 -6.96 14.23 -4.16
C PRO A 222 -6.72 13.23 -5.29
N HIS A 223 -6.14 13.72 -6.38
CA HIS A 223 -5.84 12.85 -7.50
C HIS A 223 -4.91 11.73 -7.07
N ILE A 224 -4.91 10.67 -7.87
CA ILE A 224 -4.03 9.53 -7.60
C ILE A 224 -2.59 10.02 -7.64
N ASN A 225 -1.87 9.87 -6.51
CA ASN A 225 -0.45 10.19 -6.55
C ASN A 225 0.30 9.12 -7.30
N HIS A 226 -0.06 7.86 -7.11
CA HIS A 226 0.39 6.75 -7.93
C HIS A 226 -0.48 5.54 -7.60
N LEU A 227 -0.49 4.60 -8.52
CA LEU A 227 -1.00 3.26 -8.30
C LEU A 227 0.15 2.30 -8.54
N THR A 228 0.33 1.35 -7.63
CA THR A 228 1.48 0.46 -7.65
C THR A 228 1.01 -0.96 -7.80
N PRO A 229 1.40 -1.66 -8.88
CA PRO A 229 1.12 -3.10 -8.98
C PRO A 229 2.16 -3.90 -8.22
N ARG A 230 1.84 -5.19 -8.02
CA ARG A 230 2.70 -6.10 -7.30
C ARG A 230 3.42 -7.04 -8.27
N THR A 231 4.74 -7.09 -8.19
CA THR A 231 5.52 -8.05 -8.94
C THR A 231 6.09 -9.08 -7.97
N LEU A 232 6.31 -10.29 -8.49
CA LEU A 232 6.99 -11.33 -7.74
C LEU A 232 8.51 -11.19 -7.72
N ASP A 233 9.11 -10.32 -8.54
CA ASP A 233 10.56 -10.22 -8.59
C ASP A 233 10.96 -8.80 -9.01
N ILE A 234 11.25 -7.95 -8.03
CA ILE A 234 11.58 -6.58 -8.35
C ILE A 234 12.94 -6.46 -9.02
N ASP A 235 13.86 -7.39 -8.75
CA ASP A 235 15.16 -7.34 -9.44
C ASP A 235 14.95 -7.56 -10.93
N ALA A 236 14.13 -8.56 -11.27
CA ALA A 236 13.87 -8.86 -12.66
C ALA A 236 13.17 -7.69 -13.34
N ILE A 237 12.17 -7.09 -12.68
CA ILE A 237 11.46 -6.00 -13.35
C ILE A 237 12.37 -4.80 -13.54
N GLN A 238 13.27 -4.53 -12.59
CA GLN A 238 14.21 -3.42 -12.75
CA GLN A 238 14.20 -3.42 -12.75
C GLN A 238 15.08 -3.61 -13.99
N LEU A 239 15.43 -4.86 -14.32
CA LEU A 239 16.21 -5.11 -15.52
C LEU A 239 15.42 -4.87 -16.78
N GLY A 240 14.09 -4.82 -16.71
CA GLY A 240 13.29 -4.65 -17.90
C GLY A 240 12.75 -3.25 -18.13
N MET A 241 12.88 -2.40 -17.12
CA MET A 241 12.22 -1.10 -17.13
C MET A 241 12.91 0.00 -17.96
N PRO A 242 14.23 0.16 -17.89
CA PRO A 242 14.85 1.17 -18.76
C PRO A 242 14.51 0.95 -20.23
N ALA A 243 14.47 -0.31 -20.66
CA ALA A 243 14.12 -0.61 -22.06
C ALA A 243 12.73 -0.11 -22.45
N LYS A 244 11.82 0.02 -21.48
CA LYS A 244 10.46 0.46 -21.75
C LYS A 244 10.28 1.95 -21.48
N GLY A 245 11.36 2.70 -21.29
CA GLY A 245 11.26 4.13 -21.07
C GLY A 245 10.82 4.54 -19.68
N ILE A 246 10.97 3.66 -18.70
CA ILE A 246 10.64 3.99 -17.31
C ILE A 246 11.83 3.60 -16.44
N PRO A 247 13.01 4.15 -16.71
CA PRO A 247 14.19 3.79 -15.88
C PRO A 247 13.94 4.13 -14.42
N PRO A 248 14.06 3.16 -13.53
CA PRO A 248 13.76 3.42 -12.12
C PRO A 248 15.00 3.79 -11.34
N LYS A 249 14.76 4.21 -10.10
CA LYS A 249 15.86 4.52 -9.19
C LYS A 249 16.67 3.25 -8.91
N ALA A 250 18.00 3.39 -8.90
CA ALA A 250 18.87 2.27 -8.60
C ALA A 250 18.75 1.86 -7.14
N VAL A 251 18.48 2.83 -6.26
CA VAL A 251 18.22 2.50 -4.86
C VAL A 251 16.87 1.81 -4.77
N VAL A 252 16.87 0.55 -4.34
CA VAL A 252 15.63 -0.19 -4.08
C VAL A 252 15.36 -0.08 -2.59
N GLU A 253 14.22 0.48 -2.23
CA GLU A 253 13.83 0.61 -0.84
C GLU A 253 13.40 -0.76 -0.31
N GLY A 254 13.63 -0.95 0.99
CA GLY A 254 13.31 -2.19 1.64
C GLY A 254 14.53 -3.05 1.87
N PRO A 255 14.33 -4.30 2.26
CA PRO A 255 15.46 -5.21 2.47
C PRO A 255 16.11 -5.55 1.14
N PRO A 256 17.30 -6.16 1.16
CA PRO A 256 17.94 -6.62 -0.08
C PRO A 256 17.28 -7.91 -0.57
N THR A 257 17.77 -8.40 -1.70
CA THR A 257 17.25 -9.65 -2.25
C THR A 257 17.38 -10.78 -1.24
N ARG A 258 16.30 -11.55 -1.11
CA ARG A 258 16.24 -12.67 -0.17
C ARG A 258 15.48 -13.81 -0.81
N ARG A 259 15.83 -15.05 -0.41
CA ARG A 259 15.03 -16.21 -0.78
C ARG A 259 13.62 -16.13 -0.17
N HIS A 260 13.50 -15.56 1.03
CA HIS A 260 12.22 -15.43 1.71
C HIS A 260 12.05 -13.96 2.05
N PRO A 261 11.47 -13.18 1.12
CA PRO A 261 11.39 -11.73 1.32
C PRO A 261 10.61 -11.34 2.55
N ILE A 262 10.92 -10.15 3.06
CA ILE A 262 10.27 -9.59 4.23
C ILE A 262 9.79 -8.17 3.89
N LEU A 263 8.70 -7.76 4.56
CA LEU A 263 8.09 -6.45 4.32
C LEU A 263 7.83 -6.29 2.83
N LEU A 264 8.35 -5.23 2.22
CA LEU A 264 8.26 -5.07 0.77
C LEU A 264 9.52 -4.39 0.26
N ARG A 265 9.72 -4.49 -1.05
CA ARG A 265 10.77 -3.79 -1.78
C ARG A 265 10.09 -2.91 -2.81
N GLN A 266 10.71 -1.75 -3.07
CA GLN A 266 10.08 -0.75 -3.93
C GLN A 266 11.11 0.02 -4.72
N THR A 267 10.69 0.51 -5.88
CA THR A 267 11.42 1.56 -6.60
C THR A 267 10.40 2.39 -7.38
N SER A 268 10.88 3.50 -7.95
CA SER A 268 10.00 4.47 -8.58
C SER A 268 10.64 4.97 -9.87
N PHE A 269 9.83 5.64 -10.68
CA PHE A 269 10.25 6.18 -11.98
C PHE A 269 9.38 7.37 -12.34
N LYS A 270 9.84 8.15 -13.30
CA LYS A 270 9.04 9.25 -13.82
C LYS A 270 8.04 8.73 -14.82
N ALA A 271 6.75 8.96 -14.57
CA ALA A 271 5.70 8.37 -15.38
C ALA A 271 5.09 9.33 -16.39
N LEU A 272 4.96 10.61 -16.06
CA LEU A 272 4.35 11.54 -16.99
C LEU A 272 4.68 12.97 -16.57
N GLN A 273 4.98 13.82 -17.55
CA GLN A 273 5.08 15.24 -17.32
C GLN A 273 3.72 15.86 -17.62
N GLU A 274 3.07 16.43 -16.62
CA GLU A 274 1.74 17.00 -16.77
C GLU A 274 1.80 18.52 -16.81
N THR A 275 0.75 19.11 -17.37
CA THR A 275 0.60 20.56 -17.45
C THR A 275 -0.49 20.99 -16.48
N VAL A 276 -0.29 22.16 -15.88
CA VAL A 276 -1.25 22.75 -14.94
C VAL A 276 -1.67 24.09 -15.50
N ALA A 277 -2.98 24.32 -15.57
CA ALA A 277 -3.54 25.54 -16.15
C ALA A 277 -4.17 26.40 -15.07
N PHE A 278 -4.17 27.71 -15.30
CA PHE A 278 -4.67 28.67 -14.32
C PHE A 278 -5.66 29.63 -14.98
N ARG A 279 -6.53 30.20 -14.14
CA ARG A 279 -7.58 31.09 -14.63
C ARG A 279 -7.01 32.41 -15.13
N ASP A 280 -6.02 32.95 -14.42
CA ASP A 280 -5.53 34.30 -14.72
C ASP A 280 -4.51 34.33 -15.84
N GLN A 281 -3.89 33.19 -16.16
CA GLN A 281 -2.90 33.10 -17.23
C GLN A 281 -3.37 32.08 -18.26
N GLN A 282 -4.39 32.45 -19.03
CA GLN A 282 -4.87 31.65 -20.15
C GLN A 282 -4.37 32.23 -21.46
N GLY A 283 -4.31 31.38 -22.48
CA GLY A 283 -3.56 31.72 -23.67
C GLY A 283 -2.07 31.80 -23.44
N ARG A 284 -1.60 31.37 -22.28
CA ARG A 284 -0.21 31.46 -21.89
C ARG A 284 0.25 30.12 -21.34
N GLU A 285 1.57 29.93 -21.32
CA GLU A 285 2.13 28.66 -20.88
C GLU A 285 1.84 28.42 -19.41
N GLY A 286 1.17 27.31 -19.12
CA GLY A 286 0.96 26.91 -17.74
C GLY A 286 2.13 26.12 -17.19
N SER A 287 2.18 26.02 -15.86
CA SER A 287 3.26 25.31 -15.22
C SER A 287 3.20 23.82 -15.57
N HIS A 288 4.24 23.09 -15.16
CA HIS A 288 4.33 21.66 -15.38
C HIS A 288 4.64 20.96 -14.08
N THR A 289 4.16 19.72 -13.96
CA THR A 289 4.35 18.94 -12.74
C THR A 289 4.48 17.47 -13.13
N ALA A 290 5.39 16.78 -12.45
CA ALA A 290 5.68 15.39 -12.79
C ALA A 290 4.82 14.44 -11.97
N ARG A 291 4.31 13.41 -12.63
CA ARG A 291 3.66 12.28 -11.98
C ARG A 291 4.63 11.10 -11.98
N PHE A 292 4.80 10.50 -10.81
CA PHE A 292 5.75 9.41 -10.64
C PHE A 292 5.02 8.08 -10.48
N GLY A 293 5.64 7.03 -11.02
CA GLY A 293 5.13 5.69 -10.89
C GLY A 293 5.98 4.88 -9.91
N GLU A 294 5.48 3.68 -9.60
CA GLU A 294 6.10 2.84 -8.59
C GLU A 294 5.81 1.38 -8.86
N ILE A 295 6.69 0.54 -8.35
CA ILE A 295 6.55 -0.91 -8.43
C ILE A 295 6.98 -1.46 -7.07
N GLU A 296 6.29 -2.51 -6.63
CA GLU A 296 6.64 -3.13 -5.36
C GLU A 296 6.58 -4.64 -5.46
N GLN A 297 7.33 -5.29 -4.56
CA GLN A 297 7.28 -6.73 -4.32
C GLN A 297 6.98 -6.90 -2.84
N ARG A 298 5.99 -7.71 -2.50
CA ARG A 298 5.54 -7.85 -1.12
C ARG A 298 5.91 -9.22 -0.58
N GLY A 299 6.60 -9.22 0.58
CA GLY A 299 7.02 -10.42 1.25
C GLY A 299 6.35 -10.57 2.59
N ALA A 300 7.05 -11.17 3.55
CA ALA A 300 6.43 -11.57 4.81
C ALA A 300 6.20 -10.41 5.76
N ALA A 301 5.03 -10.44 6.41
CA ALA A 301 4.76 -9.54 7.52
C ALA A 301 5.65 -9.89 8.69
N LEU A 302 6.20 -8.88 9.33
CA LEU A 302 7.10 -9.08 10.46
C LEU A 302 6.42 -8.82 11.80
N THR A 303 6.82 -9.59 12.81
CA THR A 303 6.39 -9.35 14.17
C THR A 303 7.13 -8.12 14.72
N PRO A 304 6.74 -7.63 15.89
CA PRO A 304 7.56 -6.59 16.54
C PRO A 304 9.03 -6.95 16.60
N LYS A 305 9.34 -8.18 16.99
CA LYS A 305 10.73 -8.61 17.07
C LYS A 305 11.38 -8.58 15.69
N GLY A 306 10.68 -9.05 14.67
CA GLY A 306 11.24 -9.00 13.34
C GLY A 306 11.48 -7.60 12.85
N ARG A 307 10.55 -6.69 13.13
CA ARG A 307 10.73 -5.32 12.65
C ARG A 307 11.86 -4.63 13.40
N GLN A 308 12.05 -4.97 14.69
CA GLN A 308 13.17 -4.40 15.42
C GLN A 308 14.49 -4.82 14.79
N LEU A 309 14.59 -6.08 14.41
CA LEU A 309 15.80 -6.55 13.73
C LEU A 309 15.96 -5.87 12.37
N TYR A 310 14.89 -5.78 11.60
CA TYR A 310 14.94 -5.08 10.33
C TYR A 310 15.43 -3.64 10.50
N ASP A 311 14.84 -2.92 11.44
CA ASP A 311 15.21 -1.53 11.66
C ASP A 311 16.66 -1.41 12.08
N LYS A 312 17.15 -2.34 12.89
CA LYS A 312 18.53 -2.28 13.35
C LYS A 312 19.50 -2.43 12.18
N LEU A 313 19.25 -3.42 11.32
CA LEU A 313 20.17 -3.69 10.21
C LEU A 313 20.08 -2.60 9.14
N LEU A 314 18.89 -2.05 8.91
CA LEU A 314 18.79 -0.95 7.97
C LEU A 314 19.50 0.29 8.50
N ASP A 315 19.31 0.60 9.80
CA ASP A 315 20.03 1.72 10.39
C ASP A 315 21.54 1.52 10.29
N ALA A 316 22.01 0.31 10.59
CA ALA A 316 23.45 0.06 10.50
C ALA A 316 23.95 0.28 9.08
N THR A 317 23.16 -0.10 8.08
CA THR A 317 23.54 0.14 6.69
C THR A 317 23.66 1.64 6.41
N ARG A 318 22.69 2.42 6.90
CA ARG A 318 22.71 3.86 6.63
C ARG A 318 23.87 4.52 7.35
N VAL A 319 24.16 4.11 8.58
CA VAL A 319 25.30 4.66 9.30
C VAL A 319 26.60 4.35 8.57
N ALA A 320 26.71 3.14 8.02
CA ALA A 320 27.93 2.75 7.32
C ALA A 320 28.11 3.54 6.03
N LEU A 321 27.01 3.92 5.39
CA LEU A 321 27.11 4.68 4.14
C LEU A 321 27.48 6.12 4.39
N GLY A 322 27.14 6.66 5.56
CA GLY A 322 27.35 8.04 5.85
C GLY A 322 26.12 8.91 5.78
N GLY A 323 24.93 8.31 5.72
CA GLY A 323 23.71 9.08 5.75
C GLY A 323 22.69 8.72 4.69
N ALA A 324 22.53 9.61 3.71
CA ALA A 324 21.42 9.53 2.78
C ALA A 324 21.76 8.60 1.62
N PRO A 325 21.03 7.50 1.43
CA PRO A 325 21.20 6.71 0.19
C PRO A 325 20.74 7.52 -1.01
N ALA A 326 21.63 7.72 -1.97
CA ALA A 326 21.32 8.47 -3.17
C ALA A 326 21.70 7.64 -4.38
N GLU A 327 21.24 8.09 -5.56
CA GLU A 327 21.59 7.39 -6.78
C GLU A 327 23.10 7.37 -7.01
N ALA A 328 23.80 8.43 -6.59
CA ALA A 328 25.23 8.51 -6.83
C ALA A 328 26.01 7.46 -6.05
N ASN A 329 25.48 7.01 -4.91
CA ASN A 329 26.14 5.99 -4.10
C ASN A 329 25.31 4.72 -4.03
N ALA A 330 24.48 4.48 -5.05
CA ALA A 330 23.55 3.37 -5.02
C ALA A 330 24.26 2.02 -4.93
N GLU A 331 25.31 1.84 -5.72
CA GLU A 331 26.01 0.56 -5.73
C GLU A 331 26.62 0.26 -4.36
N ARG A 332 27.28 1.26 -3.76
CA ARG A 332 27.84 1.06 -2.44
C ARG A 332 26.75 0.78 -1.42
N TYR A 333 25.63 1.48 -1.52
CA TYR A 333 24.53 1.28 -0.57
C TYR A 333 23.97 -0.13 -0.68
N MET A 334 23.72 -0.59 -1.91
CA MET A 334 23.15 -1.93 -2.09
C MET A 334 24.10 -3.01 -1.59
N ALA A 335 25.41 -2.81 -1.76
CA ALA A 335 26.37 -3.77 -1.24
C ALA A 335 26.38 -3.76 0.29
N LEU A 336 26.35 -2.58 0.90
CA LEU A 336 26.31 -2.50 2.36
C LEU A 336 25.01 -3.12 2.88
N LEU A 337 23.90 -2.89 2.18
CA LEU A 337 22.63 -3.45 2.61
C LEU A 337 22.68 -4.97 2.63
N GLN A 338 23.20 -5.58 1.58
CA GLN A 338 23.31 -7.04 1.49
C GLN A 338 24.18 -7.56 2.63
N ALA A 339 25.29 -6.89 2.90
CA ALA A 339 26.20 -7.37 3.95
C ALA A 339 25.56 -7.27 5.33
N ASN A 340 24.89 -6.16 5.62
CA ASN A 340 24.31 -6.00 6.96
C ASN A 340 23.10 -6.91 7.17
N PHE A 341 22.33 -7.20 6.13
CA PHE A 341 21.13 -8.04 6.28
C PHE A 341 21.45 -9.53 6.25
N ALA A 342 22.73 -9.91 6.14
CA ALA A 342 23.07 -11.31 6.32
C ALA A 342 22.64 -11.80 7.70
N GLU A 343 22.53 -10.89 8.67
CA GLU A 343 22.14 -11.26 10.03
C GLU A 343 20.64 -11.54 10.16
N PHE A 344 19.82 -11.22 9.17
CA PHE A 344 18.40 -11.52 9.24
C PHE A 344 18.18 -12.91 8.64
N PRO A 345 17.76 -13.90 9.43
CA PRO A 345 17.63 -15.26 8.90
C PRO A 345 16.82 -15.28 7.61
N ASP A 346 17.37 -15.97 6.61
CA ASP A 346 16.72 -16.11 5.31
C ASP A 346 16.27 -17.56 5.11
N ASP A 347 15.68 -18.11 6.17
CA ASP A 347 15.23 -19.49 6.22
C ASP A 347 13.86 -19.44 6.90
N LEU A 348 12.82 -19.99 6.25
CA LEU A 348 11.46 -19.92 6.81
C LEU A 348 11.40 -20.61 8.19
N ALA A 349 12.02 -21.77 8.34
CA ALA A 349 11.95 -22.44 9.63
C ALA A 349 12.51 -21.58 10.75
N GLN A 350 13.64 -20.89 10.50
CA GLN A 350 14.20 -20.05 11.55
C GLN A 350 13.37 -18.78 11.74
N MET A 351 12.85 -18.19 10.65
CA MET A 351 11.98 -17.04 10.80
C MET A 351 10.79 -17.38 11.68
N ARG A 352 10.27 -18.61 11.56
CA ARG A 352 9.14 -19.06 12.37
C ARG A 352 9.57 -19.32 13.82
N GLU A 353 10.64 -20.09 14.00
CA GLU A 353 11.01 -20.51 15.35
C GLU A 353 11.48 -19.33 16.19
N GLN A 354 12.16 -18.38 15.57
CA GLN A 354 12.60 -17.18 16.26
C GLN A 354 11.51 -16.12 16.36
N GLY A 355 10.32 -16.39 15.83
CA GLY A 355 9.23 -15.45 15.95
C GLY A 355 9.46 -14.12 15.29
N LEU A 356 10.06 -14.13 14.09
CA LEU A 356 10.39 -12.91 13.36
C LEU A 356 9.33 -12.51 12.37
N ALA A 357 8.48 -13.44 11.93
CA ALA A 357 7.46 -13.15 10.94
C ALA A 357 6.18 -13.89 11.32
N TYR A 358 5.08 -13.45 10.71
CA TYR A 358 3.81 -14.13 10.84
C TYR A 358 3.66 -15.16 9.73
N PHE A 359 2.91 -16.22 10.05
CA PHE A 359 2.73 -17.34 9.14
C PHE A 359 1.27 -17.78 9.10
N ARG A 360 0.89 -18.44 8.01
CA ARG A 360 -0.36 -19.20 7.97
C ARG A 360 -0.04 -20.67 7.81
N TYR A 361 -0.83 -21.50 8.49
CA TYR A 361 -0.60 -22.94 8.54
C TYR A 361 -1.78 -23.65 7.89
N PHE A 362 -1.50 -24.77 7.23
CA PHE A 362 -2.48 -25.48 6.44
C PHE A 362 -2.33 -26.98 6.58
N ALA A 363 -3.47 -27.66 6.61
CA ALA A 363 -3.46 -29.11 6.59
C ALA A 363 -3.08 -29.61 5.19
N THR A 364 -2.18 -30.59 5.13
CA THR A 364 -1.74 -31.17 3.87
C THR A 364 -2.61 -32.37 3.53
N GLU A 365 -2.50 -32.84 2.29
CA GLU A 365 -3.23 -34.04 1.90
C GLU A 365 -2.82 -35.22 2.75
N LYS A 366 -1.52 -35.35 3.05
CA LYS A 366 -1.05 -36.41 3.92
C LYS A 366 -1.67 -36.29 5.29
N GLY A 367 -1.68 -35.08 5.85
CA GLY A 367 -2.31 -34.85 7.14
C GLY A 367 -3.78 -35.20 7.14
N LEU A 368 -4.51 -34.77 6.10
CA LEU A 368 -5.94 -35.06 6.05
C LEU A 368 -6.19 -36.56 5.94
N ALA A 369 -5.36 -37.27 5.17
CA ALA A 369 -5.53 -38.71 5.04
C ALA A 369 -5.30 -39.45 6.36
N ALA A 370 -4.52 -38.87 7.27
CA ALA A 370 -4.20 -39.46 8.56
C ALA A 370 -5.07 -38.92 9.70
N ARG A 371 -6.12 -38.14 9.39
CA ARG A 371 -6.81 -37.39 10.43
C ARG A 371 -7.53 -38.28 11.44
N ASP A 372 -7.75 -39.56 11.13
CA ASP A 372 -8.38 -40.46 12.08
C ASP A 372 -7.37 -41.39 12.75
N GLN A 373 -6.08 -41.24 12.48
CA GLN A 373 -5.07 -42.09 13.07
C GLN A 373 -4.79 -41.66 14.51
N GLU A 374 -4.57 -42.64 15.38
CA GLU A 374 -4.01 -42.35 16.70
C GLU A 374 -2.49 -42.29 16.62
N GLY A 375 -1.88 -41.80 17.69
CA GLY A 375 -0.42 -41.79 17.74
C GLY A 375 0.25 -40.78 16.82
N ARG A 376 -0.48 -39.80 16.31
CA ARG A 376 0.14 -38.77 15.50
C ARG A 376 0.96 -37.84 16.38
N PRO A 377 1.88 -37.09 15.79
CA PRO A 377 2.67 -36.13 16.58
C PRO A 377 1.78 -35.24 17.42
N THR A 378 2.25 -34.95 18.64
CA THR A 378 1.50 -34.22 19.65
C THR A 378 1.77 -32.73 19.63
N THR A 379 2.60 -32.25 18.71
CA THR A 379 2.99 -30.85 18.68
C THR A 379 2.92 -30.31 17.26
N LEU A 380 2.90 -28.98 17.17
CA LEU A 380 2.90 -28.33 15.86
C LEU A 380 4.17 -28.65 15.08
N GLN A 381 5.32 -28.57 15.73
CA GLN A 381 6.56 -28.91 15.04
C GLN A 381 6.55 -30.35 14.58
N GLY A 382 6.03 -31.26 15.40
CA GLY A 382 5.98 -32.66 15.00
C GLY A 382 5.10 -32.88 13.79
N LEU A 383 3.97 -32.18 13.74
CA LEU A 383 3.10 -32.29 12.59
C LEU A 383 3.74 -31.71 11.34
N ILE A 384 4.45 -30.59 11.49
CA ILE A 384 5.20 -30.02 10.37
C ILE A 384 6.26 -31.01 9.91
N ASP A 385 7.05 -31.54 10.85
CA ASP A 385 8.15 -32.43 10.49
C ASP A 385 7.66 -33.68 9.77
N ALA A 386 6.46 -34.16 10.13
CA ALA A 386 5.89 -35.35 9.53
C ALA A 386 5.11 -35.05 8.25
N GLY A 387 5.04 -33.78 7.84
CA GLY A 387 4.36 -33.43 6.61
C GLY A 387 2.86 -33.37 6.69
N HIS A 388 2.30 -33.27 7.89
CA HIS A 388 0.86 -33.13 8.07
C HIS A 388 0.39 -31.69 8.03
N VAL A 389 1.28 -30.74 8.30
CA VAL A 389 0.99 -29.31 8.34
C VAL A 389 2.04 -28.63 7.49
N HIS A 390 1.61 -27.72 6.63
CA HIS A 390 2.48 -26.90 5.80
C HIS A 390 2.27 -25.43 6.18
N PHE A 391 3.35 -24.66 6.19
CA PHE A 391 3.24 -23.25 6.52
C PHE A 391 3.91 -22.39 5.45
N GLU A 392 3.39 -21.18 5.30
CA GLU A 392 3.97 -20.15 4.45
C GLU A 392 3.86 -18.83 5.17
N ALA A 393 4.76 -17.92 4.85
CA ALA A 393 4.71 -16.59 5.46
C ALA A 393 3.42 -15.88 5.09
N LEU A 394 2.91 -15.11 6.04
CA LEU A 394 1.76 -14.25 5.82
C LEU A 394 2.20 -12.96 5.16
N VAL A 395 1.60 -12.64 4.01
CA VAL A 395 2.07 -11.51 3.22
C VAL A 395 1.80 -10.17 3.89
N TYR A 396 2.75 -9.26 3.73
CA TYR A 396 2.71 -7.91 4.27
CA TYR A 396 2.70 -7.91 4.27
C TYR A 396 1.75 -7.04 3.46
N GLU A 397 0.83 -6.38 4.17
CA GLU A 397 -0.23 -5.58 3.57
C GLU A 397 -0.05 -4.08 3.80
N ASP A 398 1.01 -3.66 4.49
CA ASP A 398 1.18 -2.29 4.89
C ASP A 398 2.32 -1.63 4.12
N PHE A 399 2.96 -0.63 4.70
CA PHE A 399 3.88 0.24 3.99
C PHE A 399 5.12 0.53 4.83
N LEU A 400 6.24 0.69 4.15
CA LEU A 400 7.50 0.96 4.86
C LEU A 400 7.45 2.21 5.72
N PRO A 401 6.97 3.38 5.25
CA PRO A 401 6.54 3.75 3.89
C PRO A 401 7.64 4.41 3.05
N VAL A 402 7.40 4.64 1.76
CA VAL A 402 8.34 5.20 0.79
C VAL A 402 7.55 6.14 -0.11
N SER A 403 8.16 7.15 -0.64
CA SER A 403 7.51 8.12 -1.51
C SER A 403 8.06 7.99 -2.93
N ALA A 404 7.17 7.66 -3.87
CA ALA A 404 7.60 7.60 -5.26
C ALA A 404 8.06 8.96 -5.77
N ALA A 405 7.46 10.03 -5.28
CA ALA A 405 7.80 11.39 -5.70
C ALA A 405 8.95 11.97 -4.88
N GLY A 406 9.55 11.19 -3.99
CA GLY A 406 10.68 11.67 -3.19
C GLY A 406 10.33 12.76 -2.21
N ILE A 407 9.19 12.64 -1.53
CA ILE A 407 8.78 13.68 -0.58
C ILE A 407 9.44 13.47 0.78
N PHE A 408 9.56 12.22 1.22
CA PHE A 408 10.14 11.93 2.53
C PHE A 408 11.14 10.78 2.42
N GLN A 409 12.00 10.66 3.43
CA GLN A 409 12.90 9.55 3.52
C GLN A 409 12.15 8.30 3.96
N SER A 410 12.67 7.14 3.57
CA SER A 410 11.91 5.90 3.59
C SER A 410 11.89 5.27 4.98
N ASN A 411 10.97 4.32 5.14
CA ASN A 411 10.87 3.47 6.32
C ASN A 411 10.37 4.22 7.55
N LEU A 412 9.18 3.83 8.01
CA LEU A 412 8.64 4.35 9.26
C LEU A 412 7.56 3.36 9.74
N GLY A 413 6.56 3.87 10.46
CA GLY A 413 5.57 2.99 11.06
C GLY A 413 4.15 3.47 10.99
N ASN A 423 2.38 11.00 21.38
CA ASN A 423 1.05 10.45 21.12
C ASN A 423 0.06 11.54 20.75
N ALA A 424 0.46 12.80 20.94
CA ALA A 424 -0.42 13.91 20.60
C ALA A 424 -0.74 13.93 19.11
N ASN A 425 0.24 13.63 18.26
CA ASN A 425 -0.01 13.58 16.82
C ASN A 425 -0.99 12.47 16.47
N ARG A 426 -0.77 11.27 17.00
CA ARG A 426 -1.69 10.17 16.75
C ARG A 426 -3.09 10.50 17.24
N GLU A 427 -3.20 11.11 18.43
CA GLU A 427 -4.52 11.51 18.91
C GLU A 427 -5.16 12.54 17.98
N ALA A 428 -4.36 13.49 17.49
CA ALA A 428 -4.89 14.49 16.57
C ALA A 428 -5.35 13.83 15.27
N PHE A 429 -4.56 12.86 14.78
CA PHE A 429 -4.95 12.16 13.57
C PHE A 429 -6.27 11.43 13.76
N GLU A 430 -6.41 10.71 14.87
CA GLU A 430 -7.61 9.92 15.09
C GLU A 430 -8.82 10.81 15.36
N ALA A 431 -8.61 11.99 15.95
CA ALA A 431 -9.72 12.92 16.10
C ALA A 431 -10.19 13.43 14.75
N ALA A 432 -9.26 13.73 13.86
CA ALA A 432 -9.63 14.13 12.51
C ALA A 432 -10.27 12.98 11.75
N LEU A 433 -9.74 11.78 11.92
CA LEU A 433 -10.23 10.61 11.19
C LEU A 433 -11.64 10.23 11.61
N GLY A 434 -11.99 10.43 12.89
CA GLY A 434 -13.28 10.02 13.36
C GLY A 434 -13.33 8.64 13.97
N LEU A 435 -12.22 7.92 13.99
CA LEU A 435 -12.14 6.66 14.70
C LEU A 435 -10.68 6.34 14.95
N GLN A 436 -10.43 5.26 15.68
CA GLN A 436 -9.06 4.83 15.95
C GLN A 436 -8.57 3.93 14.84
N VAL A 437 -7.28 4.04 14.52
CA VAL A 437 -6.69 3.15 13.53
C VAL A 437 -6.53 1.76 14.15
N GLN A 438 -6.62 0.74 13.32
CA GLN A 438 -6.40 -0.62 13.79
C GLN A 438 -4.90 -0.97 13.82
N ASP A 439 -4.57 -1.95 14.65
CA ASP A 439 -3.20 -2.39 14.85
C ASP A 439 -2.91 -3.53 13.87
N GLU A 440 -2.09 -3.23 12.86
CA GLU A 440 -1.78 -4.21 11.83
C GLU A 440 -1.13 -5.47 12.43
N LEU A 441 -0.32 -5.32 13.49
CA LEU A 441 0.35 -6.48 14.05
C LEU A 441 -0.64 -7.39 14.75
N ALA A 442 -1.60 -6.79 15.46
CA ALA A 442 -2.67 -7.59 16.05
C ALA A 442 -3.47 -8.30 14.96
N LEU A 443 -3.71 -7.61 13.84
CA LEU A 443 -4.48 -8.22 12.75
C LEU A 443 -3.72 -9.40 12.14
N TYR A 444 -2.40 -9.28 12.00
CA TYR A 444 -1.61 -10.40 11.48
C TYR A 444 -1.65 -11.58 12.44
N ALA A 445 -1.48 -11.31 13.73
CA ALA A 445 -1.56 -12.39 14.71
C ALA A 445 -2.91 -13.10 14.65
N GLN A 446 -3.98 -12.34 14.43
CA GLN A 446 -5.30 -12.97 14.33
C GLN A 446 -5.42 -13.86 13.09
N SER A 447 -4.86 -13.43 11.95
CA SER A 447 -4.87 -14.27 10.77
CA SER A 447 -4.86 -14.26 10.77
C SER A 447 -4.10 -15.56 11.00
N GLU A 448 -2.92 -15.46 11.62
CA GLU A 448 -2.15 -16.65 11.94
CA GLU A 448 -2.15 -16.65 11.94
C GLU A 448 -2.94 -17.60 12.83
N ARG A 449 -3.56 -17.06 13.88
CA ARG A 449 -4.33 -17.89 14.81
C ARG A 449 -5.51 -18.55 14.11
N ARG A 450 -6.24 -17.82 13.27
CA ARG A 450 -7.36 -18.43 12.53
C ARG A 450 -6.88 -19.60 11.68
N SER A 451 -5.70 -19.47 11.06
CA SER A 451 -5.21 -20.57 10.21
C SER A 451 -4.90 -21.81 11.06
N LEU A 452 -4.35 -21.59 12.24
CA LEU A 452 -4.04 -22.72 13.13
C LEU A 452 -5.32 -23.39 13.61
N GLN A 453 -6.33 -22.61 13.94
CA GLN A 453 -7.59 -23.19 14.37
C GLN A 453 -8.25 -23.97 13.24
N ALA A 454 -8.22 -23.44 12.02
CA ALA A 454 -8.82 -24.17 10.91
C ALA A 454 -8.04 -25.45 10.66
N CYS A 455 -6.71 -25.39 10.80
CA CYS A 455 -5.87 -26.56 10.62
CA CYS A 455 -5.87 -26.56 10.61
C CYS A 455 -6.19 -27.63 11.65
N ALA A 456 -6.32 -27.22 12.92
CA ALA A 456 -6.64 -28.19 13.97
C ALA A 456 -7.98 -28.87 13.69
N GLN A 457 -8.97 -28.13 13.22
CA GLN A 457 -10.25 -28.74 12.88
C GLN A 457 -10.13 -29.69 11.69
N ALA A 458 -9.43 -29.26 10.64
CA ALA A 458 -9.29 -30.10 9.45
C ALA A 458 -8.59 -31.41 9.78
N LEU A 459 -7.66 -31.39 10.73
CA LEU A 459 -6.87 -32.57 11.10
C LEU A 459 -7.46 -33.30 12.29
N ASN A 460 -8.63 -32.90 12.76
CA ASN A 460 -9.28 -33.58 13.87
C ASN A 460 -8.35 -33.64 15.09
N LEU A 461 -7.76 -32.50 15.44
CA LEU A 461 -6.90 -32.40 16.59
C LEU A 461 -7.60 -31.63 17.71
NI NI B . 3.39 3.90 -2.91
C2 OOG C . 3.75 8.21 -0.60
C3 OOG C . 2.69 7.46 0.19
C4 OOG C . 3.23 6.14 0.71
C6 OOG C . 4.15 3.88 -0.24
O4 OOG C . 4.73 3.66 0.87
O3 OOG C . 4.30 3.12 -1.25
C5 OOG C . 3.26 5.08 -0.40
C1 OOG C . 3.32 9.65 -0.91
O1 OOG C . 4.10 10.42 -1.38
O2 OOG C . 2.02 10.11 -0.65
O5 OOG C . 2.58 5.14 -1.39
H21C OOG C . 3.91 7.74 -1.43
H22C OOG C . 4.58 8.23 -0.09
H31C OOG C . 1.93 7.30 -0.39
H32C OOG C . 2.40 8.01 0.94
H41C OOG C . 4.13 6.28 1.05
H42C OOG C . 2.67 5.83 1.44
H4 OOG C . 5.20 2.95 0.82
H2 OOG C . 1.54 9.49 -0.32
#